data_7ZO2
#
_entry.id   7ZO2
#
_cell.length_a   105.435
_cell.length_b   105.435
_cell.length_c   98.181
_cell.angle_alpha   90.000
_cell.angle_beta   90.000
_cell.angle_gamma   120.000
#
_symmetry.space_group_name_H-M   'P 64 2 2'
#
loop_
_entity.id
_entity.type
_entity.pdbx_description
1 polymer 'Metallo-beta-lactamase L1'
2 non-polymer 'ZINC ION'
3 non-polymer 'SULFATE ION'
4 non-polymer '(2~{S},3~{R},4~{S})-2-[(2~{S},3~{R})-1,3-bis(oxidanyl)-1-oxidanylidene-butan-2-yl]-3-methyl-4-[(3~{S},5~{S})-5-[(sulfamoylamino)methyl]pyrrolidin-3-yl]sulfanyl-3,4-dihydro-2~{H}-pyrrole-5-carboxylic acid'
5 non-polymer 'CHLORIDE ION'
6 water water
#
_entity_poly.entity_id   1
_entity_poly.type   'polypeptide(L)'
_entity_poly.pdbx_seq_one_letter_code
;GPAEVPLPQLRAYTVDASWLQPMAPLQIADHTWQIGTEDLTALLVQTPDGAVLLDGGMPQMASHLLDNMKARGVTPRDLR
LILLSHAHADHAGPVAELKRRTGAKVAANAESAVLLARGGSDDLHFGDGITYPPANADRIVMDGEVITVGGIVFTAHFMA
GHTPGSTAWTWTDTRNGKPVRIAYADSLSAPGYQLQGNPRYPHLIEDYRRSFATVRALPCDVLLTPHPGASNWDYAAGAR
AGAKALTCKAYADAAEQKFDGQLAKETAGAR
;
_entity_poly.pdbx_strand_id   A
#
loop_
_chem_comp.id
_chem_comp.type
_chem_comp.name
_chem_comp.formula
CL non-polymer 'CHLORIDE ION' 'Cl -1'
DQM non-polymer '(2~{S},3~{R},4~{S})-2-[(2~{S},3~{R})-1,3-bis(oxidanyl)-1-oxidanylidene-butan-2-yl]-3-methyl-4-[(3~{S},5~{S})-5-[(sulfamoylamino)methyl]pyrrolidin-3-yl]sulfanyl-3,4-dihydro-2~{H}-pyrrole-5-carboxylic acid' 'C15 H26 N4 O7 S2'
SO4 non-polymer 'SULFATE ION' 'O4 S -2'
ZN non-polymer 'ZINC ION' 'Zn 2'
#
# COMPACT_ATOMS: atom_id res chain seq x y z
N VAL A 5 34.81 15.40 -16.55
CA VAL A 5 33.76 14.48 -16.15
C VAL A 5 32.81 15.07 -15.13
N PRO A 6 31.60 15.43 -15.58
CA PRO A 6 30.65 16.04 -14.66
C PRO A 6 30.03 15.01 -13.72
N LEU A 7 29.42 15.52 -12.67
CA LEU A 7 28.64 14.66 -11.80
C LEU A 7 27.47 14.06 -12.59
N PRO A 8 26.99 12.90 -12.18
CA PRO A 8 25.89 12.28 -12.93
C PRO A 8 24.61 13.09 -12.86
N GLN A 9 23.83 13.01 -13.94
CA GLN A 9 22.50 13.58 -13.90
C GLN A 9 21.63 12.85 -12.90
N LEU A 10 20.63 13.55 -12.37
CA LEU A 10 19.66 12.86 -11.54
C LEU A 10 18.94 11.83 -12.40
N ARG A 11 18.66 10.67 -11.81
CA ARG A 11 18.00 9.58 -12.50
C ARG A 11 16.55 9.54 -12.03
N ALA A 12 15.63 9.58 -12.98
CA ALA A 12 14.22 9.53 -12.66
C ALA A 12 13.86 8.11 -12.20
N TYR A 13 12.85 8.05 -11.33
CA TYR A 13 12.32 6.78 -10.85
C TYR A 13 11.39 6.26 -11.95
N THR A 14 11.95 5.42 -12.81
CA THR A 14 11.20 4.81 -13.89
C THR A 14 10.79 3.39 -13.50
N VAL A 15 9.64 2.96 -14.04
CA VAL A 15 9.05 1.69 -13.64
C VAL A 15 8.51 0.98 -14.89
N ASP A 16 8.18 -0.29 -14.73
CA ASP A 16 7.57 -1.05 -15.82
C ASP A 16 6.30 -0.35 -16.28
N ALA A 17 6.02 -0.45 -17.59
CA ALA A 17 4.87 0.26 -18.15
C ALA A 17 3.55 -0.20 -17.54
N SER A 18 3.42 -1.49 -17.21
CA SER A 18 2.17 -1.96 -16.63
C SER A 18 1.88 -1.23 -15.32
N TRP A 19 2.92 -0.79 -14.62
CA TRP A 19 2.70 -0.05 -13.39
C TRP A 19 2.03 1.30 -13.66
N LEU A 20 2.15 1.81 -14.88
CA LEU A 20 1.62 3.11 -15.26
C LEU A 20 0.47 3.00 -16.24
N GLN A 21 -0.07 1.80 -16.44
CA GLN A 21 -1.09 1.57 -17.44
C GLN A 21 -2.46 1.81 -16.82
N PRO A 22 -3.18 2.85 -17.20
CA PRO A 22 -4.47 3.10 -16.55
C PRO A 22 -5.46 1.99 -16.81
N MET A 23 -6.32 1.75 -15.83
CA MET A 23 -7.43 0.82 -15.99
C MET A 23 -8.69 1.48 -15.45
N ALA A 24 -9.82 1.07 -16.01
CA ALA A 24 -11.13 1.45 -15.46
C ALA A 24 -11.32 0.79 -14.10
N PRO A 25 -12.21 1.34 -13.28
CA PRO A 25 -12.45 0.73 -11.96
C PRO A 25 -12.87 -0.74 -12.08
N LEU A 26 -12.26 -1.55 -11.22
CA LEU A 26 -12.52 -2.98 -11.12
C LEU A 26 -13.13 -3.26 -9.75
N GLN A 27 -14.33 -3.83 -9.72
CA GLN A 27 -15.02 -4.03 -8.46
C GLN A 27 -14.45 -5.23 -7.72
N ILE A 28 -14.06 -5.02 -6.46
CA ILE A 28 -13.54 -6.06 -5.60
C ILE A 28 -14.64 -6.61 -4.70
N ALA A 29 -15.42 -5.73 -4.11
CA ALA A 29 -16.58 -6.10 -3.33
C ALA A 29 -17.64 -5.04 -3.56
N ASP A 30 -18.74 -5.13 -2.82
CA ASP A 30 -19.89 -4.28 -3.08
C ASP A 30 -19.49 -2.81 -3.07
N HIS A 31 -18.60 -2.43 -2.16
CA HIS A 31 -18.24 -1.01 -2.02
C HIS A 31 -16.74 -0.76 -2.12
N THR A 32 -15.98 -1.72 -2.67
CA THR A 32 -14.53 -1.62 -2.75
C THR A 32 -14.10 -1.84 -4.19
N TRP A 33 -13.29 -0.91 -4.71
CA TRP A 33 -12.90 -0.92 -6.10
C TRP A 33 -11.40 -0.67 -6.25
N GLN A 34 -10.77 -1.38 -7.18
CA GLN A 34 -9.43 -1.08 -7.63
C GLN A 34 -9.50 -0.02 -8.72
N ILE A 35 -8.87 1.14 -8.47
CA ILE A 35 -8.98 2.28 -9.37
C ILE A 35 -7.61 2.80 -9.80
N GLY A 36 -6.57 2.05 -9.51
CA GLY A 36 -5.24 2.45 -9.92
C GLY A 36 -4.88 2.01 -11.34
N THR A 37 -3.71 1.43 -11.48
CA THR A 37 -3.24 0.94 -12.78
C THR A 37 -3.25 -0.58 -12.77
N GLU A 38 -2.84 -1.14 -13.89
CA GLU A 38 -2.83 -2.60 -14.01
C GLU A 38 -1.94 -3.25 -12.96
N ASP A 39 -0.80 -2.62 -12.65
CA ASP A 39 0.16 -3.24 -11.74
C ASP A 39 0.42 -2.45 -10.46
N LEU A 40 -0.41 -1.45 -10.13
CA LEU A 40 -0.32 -0.79 -8.84
C LEU A 40 -1.72 -0.63 -8.23
N THR A 41 -1.87 -1.10 -6.99
CA THR A 41 -3.16 -1.03 -6.32
C THR A 41 -3.45 0.36 -5.76
N ALA A 42 -4.68 0.82 -5.96
CA ALA A 42 -5.21 2.01 -5.30
C ALA A 42 -6.68 1.70 -5.05
N LEU A 43 -7.06 1.49 -3.79
CA LEU A 43 -8.39 0.99 -3.46
C LEU A 43 -9.30 2.12 -3.04
N LEU A 44 -10.49 2.18 -3.64
CA LEU A 44 -11.49 3.16 -3.29
C LEU A 44 -12.61 2.41 -2.58
N VAL A 45 -12.92 2.83 -1.35
CA VAL A 45 -14.03 2.28 -0.59
C VAL A 45 -15.07 3.38 -0.44
N GLN A 46 -16.26 3.15 -0.97
CA GLN A 46 -17.33 4.14 -1.02
C GLN A 46 -18.34 3.86 0.08
N THR A 47 -18.56 4.84 0.93
CA THR A 47 -19.56 4.77 1.98
C THR A 47 -20.56 5.90 1.81
N PRO A 48 -21.72 5.81 2.45
CA PRO A 48 -22.67 6.94 2.41
C PRO A 48 -22.11 8.19 3.06
N ASP A 49 -21.03 8.06 3.82
CA ASP A 49 -20.41 9.16 4.54
C ASP A 49 -19.09 9.59 3.93
N GLY A 50 -18.86 9.30 2.66
CA GLY A 50 -17.65 9.70 1.98
C GLY A 50 -16.81 8.52 1.57
N ALA A 51 -15.77 8.81 0.81
CA ALA A 51 -14.93 7.79 0.22
C ALA A 51 -13.57 7.74 0.91
N VAL A 52 -13.01 6.53 0.97
CA VAL A 52 -11.68 6.30 1.50
C VAL A 52 -10.84 5.78 0.34
N LEU A 53 -9.61 6.28 0.24
CA LEU A 53 -8.64 5.78 -0.73
C LEU A 53 -7.50 5.15 0.05
N LEU A 54 -7.18 3.90 -0.28
CA LEU A 54 -6.02 3.22 0.28
C LEU A 54 -4.96 3.10 -0.83
N ASP A 55 -3.91 3.88 -0.68
CA ASP A 55 -2.83 4.05 -1.64
C ASP A 55 -3.25 4.80 -2.89
N GLY A 56 -2.27 5.42 -3.54
CA GLY A 56 -2.51 6.12 -4.77
C GLY A 56 -1.58 5.74 -5.91
N GLY A 57 -0.58 4.89 -5.63
CA GLY A 57 0.36 4.48 -6.64
C GLY A 57 1.46 5.50 -6.87
N MET A 58 1.80 5.76 -8.12
CA MET A 58 2.91 6.62 -8.49
C MET A 58 2.53 8.10 -8.51
N PRO A 59 3.51 9.00 -8.46
CA PRO A 59 3.16 10.43 -8.36
C PRO A 59 2.31 10.91 -9.51
N GLN A 60 2.52 10.36 -10.71
CA GLN A 60 1.81 10.86 -11.89
C GLN A 60 0.40 10.30 -12.02
N MET A 61 -0.09 9.54 -11.04
CA MET A 61 -1.42 8.93 -11.12
C MET A 61 -2.56 9.78 -10.56
N ALA A 62 -2.28 10.99 -10.06
CA ALA A 62 -3.35 11.72 -9.38
C ALA A 62 -4.56 11.97 -10.28
N SER A 63 -4.33 12.50 -11.49
CA SER A 63 -5.47 12.84 -12.35
C SER A 63 -6.25 11.59 -12.74
N HIS A 64 -5.54 10.48 -13.00
CA HIS A 64 -6.24 9.25 -13.33
C HIS A 64 -7.10 8.79 -12.17
N LEU A 65 -6.57 8.85 -10.96
CA LEU A 65 -7.35 8.46 -9.80
C LEU A 65 -8.58 9.33 -9.66
N LEU A 66 -8.43 10.64 -9.87
CA LEU A 66 -9.59 11.52 -9.78
C LEU A 66 -10.60 11.22 -10.87
N ASP A 67 -10.14 10.87 -12.08
CA ASP A 67 -11.06 10.48 -13.14
C ASP A 67 -11.85 9.24 -12.73
N ASN A 68 -11.15 8.24 -12.19
CA ASN A 68 -11.85 7.00 -11.81
C ASN A 68 -12.79 7.26 -10.65
N MET A 69 -12.41 8.13 -9.72
CA MET A 69 -13.34 8.50 -8.66
C MET A 69 -14.60 9.15 -9.23
N LYS A 70 -14.44 10.09 -10.15
CA LYS A 70 -15.61 10.71 -10.77
C LYS A 70 -16.48 9.66 -11.45
N ALA A 71 -15.85 8.74 -12.19
CA ALA A 71 -16.63 7.68 -12.85
C ALA A 71 -17.44 6.88 -11.82
N ARG A 72 -16.93 6.75 -10.60
CA ARG A 72 -17.62 6.04 -9.54
C ARG A 72 -18.62 6.90 -8.77
N GLY A 73 -18.80 8.18 -9.16
CA GLY A 73 -19.67 9.07 -8.43
C GLY A 73 -19.06 9.72 -7.20
N VAL A 74 -17.74 9.74 -7.09
CA VAL A 74 -17.01 10.36 -5.98
C VAL A 74 -16.35 11.62 -6.50
N THR A 75 -16.85 12.77 -6.08
CA THR A 75 -16.25 14.04 -6.44
C THR A 75 -15.07 14.33 -5.51
N PRO A 76 -14.26 15.34 -5.85
CA PRO A 76 -13.16 15.68 -4.95
C PRO A 76 -13.55 15.95 -3.50
N ARG A 77 -14.65 16.66 -3.26
CA ARG A 77 -15.07 16.90 -1.89
C ARG A 77 -15.54 15.64 -1.18
N ASP A 78 -15.96 14.61 -1.92
CA ASP A 78 -16.41 13.39 -1.27
C ASP A 78 -15.27 12.51 -0.76
N LEU A 79 -14.05 12.72 -1.21
CA LEU A 79 -12.93 11.90 -0.72
C LEU A 79 -12.54 12.44 0.66
N ARG A 80 -12.71 11.61 1.69
CA ARG A 80 -12.55 12.07 3.06
C ARG A 80 -11.23 11.66 3.68
N LEU A 81 -10.68 10.51 3.27
CA LEU A 81 -9.61 9.87 4.02
C LEU A 81 -8.71 9.14 3.05
N ILE A 82 -7.40 9.30 3.24
CA ILE A 82 -6.38 8.51 2.54
C ILE A 82 -5.62 7.72 3.59
N LEU A 83 -5.54 6.41 3.39
CA LEU A 83 -4.76 5.47 4.18
C LEU A 83 -3.64 4.95 3.30
N LEU A 84 -2.54 4.50 3.93
CA LEU A 84 -1.40 4.02 3.17
C LEU A 84 -0.90 2.66 3.66
N SER A 85 -0.48 1.81 2.72
CA SER A 85 0.30 0.61 3.03
C SER A 85 1.67 1.00 3.54
N HIS A 86 2.46 1.69 2.70
CA HIS A 86 3.72 2.26 3.14
C HIS A 86 4.07 3.46 2.26
N ALA A 87 4.95 4.30 2.76
CA ALA A 87 5.20 5.61 2.18
C ALA A 87 6.38 5.60 1.22
N HIS A 88 6.33 4.71 0.24
CA HIS A 88 7.25 4.77 -0.89
C HIS A 88 6.57 5.38 -2.11
N ALA A 89 7.39 5.84 -3.06
CA ALA A 89 6.94 6.68 -4.17
C ALA A 89 5.94 5.97 -5.06
N ASP A 90 6.02 4.65 -5.15
CA ASP A 90 5.13 3.88 -5.99
C ASP A 90 3.81 3.52 -5.31
N HIS A 91 3.61 3.95 -4.06
CA HIS A 91 2.33 3.73 -3.36
C HIS A 91 1.73 5.01 -2.80
N ALA A 92 2.55 5.93 -2.31
CA ALA A 92 2.11 7.20 -1.76
C ALA A 92 2.44 8.35 -2.68
N GLY A 93 2.90 8.07 -3.90
CA GLY A 93 3.36 9.08 -4.80
C GLY A 93 2.51 10.32 -4.97
N PRO A 94 1.20 10.15 -5.19
CA PRO A 94 0.34 11.31 -5.50
C PRO A 94 -0.40 11.87 -4.30
N VAL A 95 -0.02 11.50 -3.07
CA VAL A 95 -0.83 11.91 -1.91
C VAL A 95 -0.82 13.42 -1.74
N ALA A 96 0.35 14.09 -1.85
CA ALA A 96 0.37 15.53 -1.67
C ALA A 96 -0.58 16.23 -2.62
N GLU A 97 -0.56 15.83 -3.90
CA GLU A 97 -1.43 16.45 -4.90
C GLU A 97 -2.89 16.12 -4.64
N LEU A 98 -3.17 14.89 -4.25
CA LEU A 98 -4.54 14.55 -3.89
C LEU A 98 -5.06 15.40 -2.73
N LYS A 99 -4.22 15.66 -1.73
CA LYS A 99 -4.68 16.51 -0.63
C LYS A 99 -4.99 17.93 -1.12
N ARG A 100 -4.19 18.44 -2.06
CA ARG A 100 -4.44 19.79 -2.55
C ARG A 100 -5.70 19.87 -3.38
N ARG A 101 -6.08 18.79 -4.07
CA ARG A 101 -7.16 18.78 -5.04
C ARG A 101 -8.46 18.20 -4.51
N THR A 102 -8.46 17.66 -3.28
CA THR A 102 -9.67 17.06 -2.73
C THR A 102 -9.85 17.48 -1.27
N GLY A 103 -10.93 17.03 -0.68
CA GLY A 103 -11.10 17.22 0.76
C GLY A 103 -10.38 16.23 1.63
N ALA A 104 -9.50 15.41 1.09
CA ALA A 104 -9.03 14.25 1.82
C ALA A 104 -8.01 14.60 2.90
N LYS A 105 -8.10 13.90 4.02
CA LYS A 105 -7.11 13.95 5.08
C LYS A 105 -6.42 12.60 5.16
N VAL A 106 -5.16 12.62 5.57
CA VAL A 106 -4.31 11.43 5.64
C VAL A 106 -4.19 10.96 7.07
N ALA A 107 -4.45 9.66 7.30
CA ALA A 107 -4.18 9.02 8.58
C ALA A 107 -3.07 7.99 8.37
N ALA A 108 -2.07 8.02 9.26
CA ALA A 108 -0.94 7.10 9.12
C ALA A 108 -0.26 6.95 10.47
N ASN A 109 0.52 5.89 10.62
CA ASN A 109 1.30 5.76 11.84
C ASN A 109 2.49 6.73 11.82
N ALA A 110 3.15 6.85 12.96
CA ALA A 110 4.23 7.83 13.07
C ALA A 110 5.37 7.57 12.08
N GLU A 111 5.77 6.31 11.89
CA GLU A 111 6.86 6.03 10.96
C GLU A 111 6.47 6.42 9.55
N SER A 112 5.26 6.04 9.13
CA SER A 112 4.84 6.39 7.78
C SER A 112 4.68 7.90 7.64
N ALA A 113 4.19 8.57 8.68
CA ALA A 113 4.05 10.02 8.62
C ALA A 113 5.39 10.72 8.46
N VAL A 114 6.42 10.25 9.17
N VAL A 114 6.44 10.25 9.15
CA VAL A 114 7.73 10.87 9.08
CA VAL A 114 7.70 10.97 9.03
C VAL A 114 8.31 10.70 7.68
C VAL A 114 8.36 10.71 7.67
N LEU A 115 8.18 9.50 7.11
CA LEU A 115 8.70 9.24 5.78
C LEU A 115 7.92 10.01 4.72
N LEU A 116 6.60 10.09 4.86
CA LEU A 116 5.78 10.85 3.92
C LEU A 116 6.14 12.32 3.94
N ALA A 117 6.40 12.85 5.15
CA ALA A 117 6.70 14.26 5.29
C ALA A 117 8.07 14.63 4.72
N ARG A 118 8.95 13.65 4.56
CA ARG A 118 10.18 13.91 3.84
C ARG A 118 10.15 13.41 2.40
N GLY A 119 8.97 13.13 1.88
CA GLY A 119 8.84 12.70 0.49
C GLY A 119 9.65 11.47 0.15
N GLY A 120 9.86 10.57 1.11
CA GLY A 120 10.61 9.37 0.83
C GLY A 120 12.10 9.54 0.80
N SER A 121 12.61 10.76 1.07
CA SER A 121 14.04 10.99 1.11
C SER A 121 14.61 10.39 2.40
N ASP A 122 15.93 10.28 2.42
CA ASP A 122 16.66 9.64 3.53
C ASP A 122 16.03 8.29 3.89
N ASP A 123 15.67 7.53 2.86
CA ASP A 123 15.15 6.18 3.10
C ASP A 123 16.21 5.29 3.73
N LEU A 124 15.77 4.39 4.62
CA LEU A 124 16.74 3.52 5.31
C LEU A 124 17.60 2.72 4.33
N HIS A 125 17.03 2.36 3.18
CA HIS A 125 17.73 1.49 2.23
C HIS A 125 17.98 2.16 0.88
N PHE A 126 17.10 3.07 0.44
CA PHE A 126 17.22 3.68 -0.88
C PHE A 126 17.90 5.05 -0.84
N GLY A 127 18.19 5.60 0.35
CA GLY A 127 18.73 6.95 0.40
C GLY A 127 17.75 7.95 -0.18
N ASP A 128 18.25 8.78 -1.10
CA ASP A 128 17.43 9.75 -1.82
C ASP A 128 17.12 9.29 -3.23
N GLY A 129 17.33 8.02 -3.53
CA GLY A 129 17.12 7.54 -4.88
C GLY A 129 15.69 7.49 -5.35
N ILE A 130 14.74 7.44 -4.44
CA ILE A 130 13.34 7.25 -4.80
C ILE A 130 12.51 8.21 -3.94
N THR A 131 12.30 9.44 -4.43
CA THR A 131 11.58 10.46 -3.69
C THR A 131 10.30 10.86 -4.44
N TYR A 132 9.47 11.63 -3.76
CA TYR A 132 8.16 12.05 -4.27
C TYR A 132 7.75 13.28 -3.49
N PRO A 133 6.70 14.00 -3.93
CA PRO A 133 6.29 15.25 -3.21
C PRO A 133 5.90 14.95 -1.78
N PRO A 134 6.44 15.68 -0.81
CA PRO A 134 6.10 15.41 0.60
C PRO A 134 4.68 15.81 0.95
N ALA A 135 4.12 15.07 1.91
CA ALA A 135 2.78 15.37 2.42
C ALA A 135 2.78 15.22 3.93
N ASN A 136 1.84 15.92 4.57
CA ASN A 136 1.69 15.84 6.01
C ASN A 136 0.49 14.96 6.37
N ALA A 137 0.65 14.17 7.41
CA ALA A 137 -0.47 13.42 7.95
C ALA A 137 -1.33 14.30 8.83
N ASP A 138 -2.64 14.09 8.78
CA ASP A 138 -3.59 14.82 9.61
C ASP A 138 -3.95 14.09 10.89
N ARG A 139 -3.76 12.79 10.93
CA ARG A 139 -4.07 11.98 12.09
C ARG A 139 -3.01 10.89 12.20
N ILE A 140 -2.50 10.66 13.41
CA ILE A 140 -1.53 9.59 13.65
C ILE A 140 -2.28 8.42 14.30
N VAL A 141 -2.08 7.23 13.77
CA VAL A 141 -2.73 6.04 14.31
C VAL A 141 -1.71 5.13 14.99
N MET A 142 -2.20 4.40 15.99
CA MET A 142 -1.48 3.41 16.77
C MET A 142 -1.84 2.02 16.29
N ASP A 143 -1.01 1.04 16.64
CA ASP A 143 -1.26 -0.32 16.21
C ASP A 143 -2.60 -0.79 16.77
N GLY A 144 -3.42 -1.38 15.90
CA GLY A 144 -4.73 -1.87 16.26
C GLY A 144 -5.82 -0.82 16.32
N GLU A 145 -5.49 0.45 16.12
CA GLU A 145 -6.49 1.49 16.16
C GLU A 145 -7.42 1.34 14.97
N VAL A 146 -8.68 1.71 15.18
CA VAL A 146 -9.69 1.66 14.14
C VAL A 146 -10.06 3.07 13.72
N ILE A 147 -10.41 3.19 12.45
CA ILE A 147 -11.00 4.37 11.88
C ILE A 147 -12.28 3.94 11.20
N THR A 148 -13.37 4.64 11.48
CA THR A 148 -14.69 4.24 11.02
C THR A 148 -15.19 5.33 10.10
N VAL A 149 -15.52 4.96 8.86
CA VAL A 149 -16.12 5.89 7.91
C VAL A 149 -17.40 5.23 7.40
N GLY A 150 -18.52 5.89 7.64
CA GLY A 150 -19.81 5.37 7.19
C GLY A 150 -20.07 3.93 7.60
N GLY A 151 -19.68 3.56 8.81
CA GLY A 151 -19.89 2.22 9.28
C GLY A 151 -18.98 1.18 8.66
N ILE A 152 -18.01 1.58 7.85
CA ILE A 152 -16.93 0.69 7.47
C ILE A 152 -15.81 0.92 8.48
N VAL A 153 -15.39 -0.13 9.16
CA VAL A 153 -14.37 0.00 10.20
C VAL A 153 -13.05 -0.51 9.64
N PHE A 154 -12.07 0.40 9.55
CA PHE A 154 -10.73 0.07 9.12
C PHE A 154 -9.85 -0.11 10.34
N THR A 155 -9.17 -1.25 10.41
CA THR A 155 -8.25 -1.55 11.49
C THR A 155 -6.82 -1.57 10.96
N ALA A 156 -5.92 -0.88 11.65
CA ALA A 156 -4.52 -0.85 11.29
C ALA A 156 -3.82 -2.00 11.98
N HIS A 157 -3.00 -2.76 11.23
CA HIS A 157 -2.18 -3.82 11.81
C HIS A 157 -0.74 -3.53 11.38
N PHE A 158 0.10 -3.10 12.33
CA PHE A 158 1.46 -2.76 11.96
C PHE A 158 2.21 -4.03 11.56
N MET A 159 2.97 -3.93 10.47
CA MET A 159 3.76 -5.07 9.96
C MET A 159 5.09 -4.50 9.43
N ALA A 160 5.86 -3.95 10.36
CA ALA A 160 7.13 -3.32 10.04
C ALA A 160 8.10 -4.27 9.34
N GLY A 161 8.87 -3.72 8.41
CA GLY A 161 9.88 -4.53 7.74
C GLY A 161 10.23 -3.88 6.42
N HIS A 162 9.33 -4.01 5.44
CA HIS A 162 9.54 -3.35 4.15
C HIS A 162 9.84 -1.87 4.34
N THR A 163 9.06 -1.21 5.20
CA THR A 163 9.39 0.08 5.79
C THR A 163 9.08 -0.07 7.27
N PRO A 164 9.67 0.77 8.12
CA PRO A 164 9.27 0.76 9.53
C PRO A 164 7.78 0.94 9.76
N GLY A 165 7.11 1.74 8.94
CA GLY A 165 5.72 2.07 9.12
C GLY A 165 4.76 1.21 8.32
N SER A 166 5.24 0.14 7.70
CA SER A 166 4.38 -0.75 6.93
C SER A 166 3.19 -1.19 7.73
N THR A 167 2.02 -1.12 7.10
CA THR A 167 0.74 -1.38 7.73
C THR A 167 -0.15 -2.26 6.85
N ALA A 168 -0.82 -3.23 7.46
CA ALA A 168 -1.94 -3.90 6.82
C ALA A 168 -3.22 -3.23 7.30
N TRP A 169 -4.13 -2.95 6.37
CA TRP A 169 -5.45 -2.42 6.69
C TRP A 169 -6.50 -3.48 6.42
N THR A 170 -7.38 -3.72 7.40
CA THR A 170 -8.46 -4.69 7.26
C THR A 170 -9.81 -4.01 7.47
N TRP A 171 -10.80 -4.44 6.69
CA TRP A 171 -12.17 -4.03 6.87
C TRP A 171 -13.08 -5.11 6.33
N THR A 172 -14.37 -5.02 6.67
CA THR A 172 -15.37 -5.96 6.20
C THR A 172 -16.34 -5.23 5.27
N ASP A 173 -16.43 -5.70 4.03
CA ASP A 173 -17.40 -5.27 3.05
C ASP A 173 -18.34 -6.44 2.80
N THR A 174 -19.20 -6.33 1.80
CA THR A 174 -20.13 -7.38 1.42
C THR A 174 -19.92 -7.72 -0.05
N ARG A 175 -20.42 -8.87 -0.43
CA ARG A 175 -20.26 -9.42 -1.77
C ARG A 175 -21.42 -10.37 -1.88
N ASN A 176 -22.37 -10.10 -2.77
CA ASN A 176 -23.56 -10.93 -2.87
C ASN A 176 -24.26 -11.00 -1.51
N GLY A 177 -24.29 -9.86 -0.81
CA GLY A 177 -24.90 -9.78 0.49
C GLY A 177 -24.08 -10.36 1.64
N LYS A 178 -23.15 -11.28 1.36
CA LYS A 178 -22.46 -11.91 2.48
C LYS A 178 -21.24 -11.08 2.89
N PRO A 179 -20.89 -11.12 4.17
CA PRO A 179 -19.71 -10.40 4.63
C PRO A 179 -18.44 -10.97 4.01
N VAL A 180 -17.52 -10.07 3.66
CA VAL A 180 -16.21 -10.40 3.13
C VAL A 180 -15.19 -9.63 3.93
N ARG A 181 -14.31 -10.34 4.63
CA ARG A 181 -13.24 -9.73 5.41
C ARG A 181 -12.06 -9.47 4.48
N ILE A 182 -11.84 -8.20 4.15
CA ILE A 182 -10.79 -7.83 3.20
C ILE A 182 -9.53 -7.46 3.96
N ALA A 183 -8.40 -7.97 3.48
CA ALA A 183 -7.09 -7.68 4.07
C ALA A 183 -6.20 -7.07 3.00
N TYR A 184 -5.89 -5.79 3.16
CA TYR A 184 -4.92 -5.10 2.29
C TYR A 184 -3.59 -5.16 3.03
N ALA A 185 -2.80 -6.20 2.74
CA ALA A 185 -1.55 -6.44 3.45
C ALA A 185 -0.41 -5.79 2.67
N ASP A 186 0.48 -5.12 3.39
CA ASP A 186 1.59 -4.43 2.77
C ASP A 186 2.59 -5.44 2.19
N SER A 187 3.50 -4.87 1.41
CA SER A 187 4.63 -5.60 0.88
C SER A 187 5.46 -6.22 2.00
N LEU A 188 5.97 -7.40 1.70
CA LEU A 188 6.86 -8.15 2.59
C LEU A 188 8.20 -8.41 1.91
N SER A 189 8.49 -7.66 0.85
CA SER A 189 9.75 -7.76 0.13
C SER A 189 10.83 -6.97 0.85
N ALA A 190 12.07 -7.24 0.47
CA ALA A 190 13.23 -6.53 1.01
C ALA A 190 14.20 -6.28 -0.14
N PRO A 191 13.76 -5.45 -1.14
CA PRO A 191 14.47 -5.39 -2.41
C PRO A 191 15.82 -4.70 -2.32
N GLY A 192 16.88 -5.50 -2.41
CA GLY A 192 18.22 -4.99 -2.27
C GLY A 192 18.63 -4.59 -0.87
N TYR A 193 17.84 -4.96 0.13
CA TYR A 193 18.13 -4.51 1.48
C TYR A 193 19.28 -5.32 2.07
N GLN A 194 20.10 -4.64 2.88
CA GLN A 194 21.00 -5.33 3.81
C GLN A 194 20.17 -5.75 5.02
N LEU A 195 20.05 -7.05 5.23
CA LEU A 195 19.16 -7.58 6.25
C LEU A 195 19.86 -7.73 7.61
N GLN A 196 21.09 -8.23 7.63
CA GLN A 196 21.78 -8.59 8.86
C GLN A 196 22.67 -7.43 9.27
N GLY A 197 22.62 -7.06 10.55
CA GLY A 197 23.54 -6.05 11.07
C GLY A 197 23.42 -4.70 10.38
N ASN A 198 22.21 -4.32 10.00
CA ASN A 198 22.00 -3.04 9.34
C ASN A 198 21.96 -1.93 10.39
N PRO A 199 22.90 -1.00 10.37
CA PRO A 199 22.94 -0.01 11.47
C PRO A 199 21.74 0.92 11.47
N ARG A 200 21.11 1.15 10.32
CA ARG A 200 19.92 1.98 10.26
C ARG A 200 18.66 1.21 10.63
N TYR A 201 18.72 -0.12 10.78
CA TYR A 201 17.55 -0.92 11.13
C TYR A 201 18.03 -2.18 11.86
N PRO A 202 18.48 -2.02 13.11
CA PRO A 202 19.12 -3.17 13.79
C PRO A 202 18.23 -4.39 13.98
N HIS A 203 16.92 -4.21 14.20
CA HIS A 203 16.02 -5.32 14.45
C HIS A 203 15.20 -5.66 13.23
N LEU A 204 15.76 -5.43 12.05
CA LEU A 204 15.03 -5.68 10.82
C LEU A 204 14.52 -7.11 10.74
N ILE A 205 15.40 -8.07 11.01
CA ILE A 205 15.02 -9.48 10.85
C ILE A 205 13.89 -9.82 11.80
N GLU A 206 14.02 -9.42 13.07
CA GLU A 206 12.97 -9.70 14.05
C GLU A 206 11.65 -9.07 13.62
N ASP A 207 11.70 -7.85 13.08
CA ASP A 207 10.46 -7.21 12.66
C ASP A 207 9.82 -7.95 11.49
N TYR A 208 10.61 -8.33 10.48
CA TYR A 208 10.05 -9.11 9.39
C TYR A 208 9.41 -10.41 9.92
N ARG A 209 10.08 -11.11 10.83
CA ARG A 209 9.52 -12.38 11.29
C ARG A 209 8.21 -12.16 12.02
N ARG A 210 8.13 -11.12 12.83
CA ARG A 210 6.86 -10.81 13.50
C ARG A 210 5.81 -10.44 12.49
N SER A 211 6.20 -9.71 11.43
CA SER A 211 5.25 -9.31 10.39
C SER A 211 4.74 -10.49 9.58
N PHE A 212 5.56 -11.52 9.34
CA PHE A 212 5.02 -12.70 8.67
C PHE A 212 3.90 -13.30 9.50
N ALA A 213 4.09 -13.35 10.82
CA ALA A 213 3.09 -13.98 11.70
C ALA A 213 1.84 -13.11 11.76
N THR A 214 2.03 -11.79 11.74
CA THR A 214 0.88 -10.88 11.73
C THR A 214 0.03 -11.09 10.49
N VAL A 215 0.67 -11.14 9.31
CA VAL A 215 -0.07 -11.31 8.06
C VAL A 215 -0.78 -12.65 8.03
N ARG A 216 -0.11 -13.70 8.52
CA ARG A 216 -0.68 -15.04 8.52
C ARG A 216 -1.97 -15.10 9.32
N ALA A 217 -2.10 -14.26 10.34
CA ALA A 217 -3.25 -14.30 11.23
C ALA A 217 -4.31 -13.24 10.94
N LEU A 218 -4.17 -12.44 9.90
CA LEU A 218 -5.16 -11.40 9.64
C LEU A 218 -6.52 -12.00 9.29
N PRO A 219 -7.62 -11.32 9.64
CA PRO A 219 -8.92 -11.70 9.07
C PRO A 219 -8.88 -11.49 7.58
N CYS A 220 -9.12 -12.56 6.81
CA CYS A 220 -8.64 -12.54 5.42
C CYS A 220 -9.42 -13.44 4.48
N ASP A 221 -10.69 -13.13 4.28
CA ASP A 221 -11.42 -13.81 3.21
C ASP A 221 -10.84 -13.45 1.85
N VAL A 222 -10.39 -12.21 1.67
CA VAL A 222 -9.80 -11.77 0.41
C VAL A 222 -8.57 -10.96 0.74
N LEU A 223 -7.43 -11.35 0.18
CA LEU A 223 -6.19 -10.63 0.35
C LEU A 223 -5.93 -9.78 -0.88
N LEU A 224 -5.50 -8.52 -0.66
CA LEU A 224 -5.04 -7.63 -1.72
C LEU A 224 -3.67 -7.09 -1.30
N THR A 225 -2.82 -6.74 -2.26
CA THR A 225 -1.49 -6.26 -1.95
C THR A 225 -1.15 -5.07 -2.85
N PRO A 226 -0.24 -4.20 -2.40
CA PRO A 226 0.09 -3.00 -3.20
C PRO A 226 0.58 -3.32 -4.59
N HIS A 227 1.43 -4.34 -4.74
CA HIS A 227 1.70 -4.92 -6.05
C HIS A 227 0.80 -6.12 -6.20
N PRO A 228 -0.21 -6.08 -7.09
CA PRO A 228 -1.18 -7.19 -7.13
C PRO A 228 -0.52 -8.53 -7.39
N GLY A 229 0.59 -8.55 -8.11
CA GLY A 229 1.27 -9.81 -8.36
C GLY A 229 1.69 -10.54 -7.10
N ALA A 230 1.95 -9.80 -6.02
CA ALA A 230 2.41 -10.43 -4.79
C ALA A 230 1.34 -11.34 -4.19
N SER A 231 0.08 -11.03 -4.42
CA SER A 231 -1.01 -11.86 -3.93
C SER A 231 -1.70 -12.61 -5.03
N ASN A 232 -1.08 -12.67 -6.22
CA ASN A 232 -1.58 -13.42 -7.38
C ASN A 232 -2.85 -12.83 -7.98
N TRP A 233 -3.04 -11.52 -7.82
CA TRP A 233 -4.11 -10.83 -8.52
C TRP A 233 -3.64 -10.48 -9.92
N ASP A 234 -4.58 -10.47 -10.88
CA ASP A 234 -4.33 -10.00 -12.24
C ASP A 234 -5.41 -9.00 -12.60
N TYR A 235 -5.15 -7.69 -12.36
CA TYR A 235 -6.18 -6.70 -12.53
C TYR A 235 -6.67 -6.58 -13.97
N ALA A 236 -5.94 -7.13 -14.92
CA ALA A 236 -6.37 -7.11 -16.30
C ALA A 236 -7.22 -8.31 -16.70
N ALA A 237 -7.46 -9.25 -15.79
CA ALA A 237 -8.15 -10.50 -16.11
C ALA A 237 -9.66 -10.42 -15.90
N GLY A 238 -10.19 -9.22 -15.65
CA GLY A 238 -11.64 -9.06 -15.68
C GLY A 238 -12.32 -9.84 -14.57
N ALA A 239 -13.33 -10.63 -14.96
CA ALA A 239 -14.13 -11.38 -14.00
C ALA A 239 -13.34 -12.43 -13.25
N ARG A 240 -12.12 -12.74 -13.71
CA ARG A 240 -11.24 -13.68 -13.03
C ARG A 240 -10.00 -13.00 -12.45
N ALA A 241 -10.06 -11.67 -12.23
CA ALA A 241 -8.87 -10.98 -11.74
C ALA A 241 -8.41 -11.51 -10.39
N GLY A 242 -9.36 -11.88 -9.53
CA GLY A 242 -9.05 -12.35 -8.19
C GLY A 242 -9.10 -13.84 -8.03
N ALA A 243 -9.31 -14.58 -9.12
CA ALA A 243 -9.58 -16.01 -9.00
C ALA A 243 -8.39 -16.76 -8.41
N LYS A 244 -7.17 -16.38 -8.76
CA LYS A 244 -5.98 -17.09 -8.30
C LYS A 244 -5.39 -16.48 -7.04
N ALA A 245 -6.07 -15.51 -6.43
CA ALA A 245 -5.47 -14.78 -5.33
C ALA A 245 -5.06 -15.75 -4.23
N LEU A 246 -3.92 -15.45 -3.60
CA LEU A 246 -3.43 -16.18 -2.47
C LEU A 246 -4.25 -15.86 -1.23
N THR A 247 -4.26 -16.80 -0.29
CA THR A 247 -4.69 -16.49 1.06
C THR A 247 -3.60 -15.68 1.78
N CYS A 248 -3.97 -15.04 2.88
CA CYS A 248 -2.96 -14.35 3.68
C CYS A 248 -1.90 -15.34 4.17
N LYS A 249 -2.32 -16.55 4.56
CA LYS A 249 -1.36 -17.56 5.02
C LYS A 249 -0.36 -17.88 3.92
N ALA A 250 -0.84 -18.07 2.69
CA ALA A 250 0.07 -18.44 1.61
C ALA A 250 0.99 -17.27 1.26
N TYR A 251 0.46 -16.05 1.32
CA TYR A 251 1.29 -14.89 1.03
C TYR A 251 2.42 -14.77 2.05
N ALA A 252 2.09 -14.88 3.34
CA ALA A 252 3.11 -14.80 4.38
C ALA A 252 4.14 -15.92 4.21
N ASP A 253 3.68 -17.12 3.92
CA ASP A 253 4.61 -18.25 3.83
C ASP A 253 5.55 -18.05 2.64
N ALA A 254 5.01 -17.60 1.50
CA ALA A 254 5.85 -17.33 0.35
C ALA A 254 6.84 -16.23 0.65
N ALA A 255 6.40 -15.17 1.34
CA ALA A 255 7.32 -14.08 1.66
C ALA A 255 8.42 -14.53 2.62
N GLU A 256 8.09 -15.41 3.57
CA GLU A 256 9.08 -15.89 4.52
C GLU A 256 10.10 -16.79 3.83
N GLN A 257 9.64 -17.68 2.95
CA GLN A 257 10.57 -18.52 2.21
C GLN A 257 11.52 -17.68 1.37
N LYS A 258 11.00 -16.66 0.67
CA LYS A 258 11.86 -15.78 -0.11
C LYS A 258 12.86 -15.07 0.80
N PHE A 259 12.37 -14.58 1.95
CA PHE A 259 13.22 -13.86 2.89
C PHE A 259 14.32 -14.76 3.42
N ASP A 260 13.98 -15.99 3.81
CA ASP A 260 15.00 -16.92 4.28
C ASP A 260 16.05 -17.16 3.21
N GLY A 261 15.62 -17.25 1.95
CA GLY A 261 16.57 -17.43 0.87
C GLY A 261 17.47 -16.22 0.72
N GLN A 262 16.92 -15.02 0.86
CA GLN A 262 17.74 -13.83 0.74
C GLN A 262 18.75 -13.75 1.87
N LEU A 263 18.33 -14.13 3.08
CA LEU A 263 19.25 -14.16 4.21
C LEU A 263 20.44 -15.06 3.92
N ALA A 264 20.16 -16.26 3.41
CA ALA A 264 21.23 -17.19 3.10
C ALA A 264 22.15 -16.64 2.02
N LYS A 265 21.58 -16.01 0.99
CA LYS A 265 22.39 -15.42 -0.07
C LYS A 265 23.22 -14.25 0.44
N GLU A 266 22.69 -13.48 1.38
CA GLU A 266 23.45 -12.37 1.93
C GLU A 266 24.64 -12.90 2.74
N THR A 267 24.41 -13.93 3.56
CA THR A 267 25.52 -14.56 4.27
C THR A 267 26.60 -15.03 3.31
N ALA A 268 26.21 -15.57 2.16
CA ALA A 268 27.21 -16.05 1.20
C ALA A 268 27.87 -14.93 0.42
N GLY A 269 27.25 -13.77 0.37
CA GLY A 269 27.76 -12.65 -0.42
C GLY A 269 28.76 -11.79 0.32
ZN ZN B . 6.31 -0.97 -4.25
ZN ZN C . 8.11 -0.09 -1.02
S SO4 D . -12.94 7.01 14.54
O1 SO4 D . -13.99 7.88 15.06
O2 SO4 D . -12.56 7.43 13.21
O3 SO4 D . -11.79 7.08 15.45
O4 SO4 D . -13.47 5.64 14.51
S SO4 E . -12.89 -12.56 -8.97
O1 SO4 E . -12.24 -11.56 -9.82
O2 SO4 E . -14.35 -12.46 -9.14
O3 SO4 E . -12.55 -12.29 -7.57
O4 SO4 E . -12.46 -13.90 -9.34
OAX DQM F . 8.11 -0.32 -2.93
CAJ DQM F . 9.31 -0.56 -3.19
OAD DQM F . 10.21 -0.89 -2.38
CAX DQM F . 9.92 -0.55 -4.63
CAT DQM F . 9.92 0.86 -5.26
CAA DQM F . 10.79 1.85 -4.43
OAI DQM F . 10.50 0.65 -6.55
CAY DQM F . 9.29 -1.59 -5.58
CAU DQM F . 10.06 -2.95 -5.77
CAB DQM F . 11.59 -2.88 -5.83
NAN DQM F . 7.96 -2.03 -5.02
CAS DQM F . 8.12 -3.15 -4.37
CAR DQM F . 7.29 -3.58 -3.15
OAE DQM F . 7.44 -4.77 -2.76
OAH DQM F . 6.54 -2.76 -2.62
CAZ DQM F . 9.50 -3.79 -4.54
SAQ DQM F . 9.37 -5.59 -4.90
CAW DQM F . 9.02 -5.76 -6.67
CAM DQM F . 7.55 -5.22 -6.91
NAO DQM F . 6.82 -6.21 -7.83
CAV DQM F . 7.98 -6.95 -8.54
CAK DQM F . 8.89 -7.17 -7.31
CAL DQM F . 7.52 -8.24 -9.17
NAP DQM F . 6.84 -9.17 -8.27
SBA DQM F . 5.22 -9.25 -8.26
OAF DQM F . 4.61 -7.98 -8.10
OAG DQM F . 4.76 -10.12 -9.30
NAC DQM F . 4.92 -10.05 -6.85
H2 DQM F . 10.87 -0.71 -4.48
H3 DQM F . 9.04 1.24 -5.37
H4 DQM F . 10.75 2.76 -4.77
H5 DQM F . 11.73 1.62 -4.43
H6 DQM F . 10.53 1.91 -3.50
H7 DQM F . 10.76 1.41 -6.83
H8 DQM F . 9.18 -1.21 -6.45
H9 DQM F . 9.83 -3.34 -6.63
H10 DQM F . 11.98 -3.56 -6.39
H11 DQM F . 12.02 -2.97 -4.97
H12 DQM F . 11.92 -2.03 -6.19
H14 DQM F . 10.05 -3.75 -3.73
H15 DQM F . 9.75 -5.28 -7.08
H16 DQM F . 7.56 -4.32 -7.29
H17 DQM F . 7.07 -5.11 -6.07
H18 DQM F . 6.34 -5.78 -8.44
H20 DQM F . 8.37 -6.43 -9.26
H21 DQM F . 9.75 -7.55 -7.57
H22 DQM F . 8.52 -7.83 -6.71
H23 DQM F . 6.93 -8.03 -9.91
H24 DQM F . 8.29 -8.68 -9.55
H25 DQM F . 7.37 -9.65 -7.80
H26 DQM F . 5.46 -10.61 -6.48
H27 DQM F . 4.38 -9.75 -6.26
CL CL G . -15.90 18.54 -5.37
#